data_4J9F
#
_entry.id   4J9F
#
_cell.length_a   86.429
_cell.length_b   86.429
_cell.length_c   45.160
_cell.angle_alpha   90.00
_cell.angle_beta   90.00
_cell.angle_gamma   120.00
#
_symmetry.space_group_name_H-M   'P 32 2 1'
#
loop_
_entity.id
_entity.type
_entity.pdbx_description
1 polymer 'Tyrosine-protein kinase ABL1'
2 polymer P0
3 non-polymer 'SULFATE ION'
4 non-polymer GLYCEROL
5 water water
#
loop_
_entity_poly.entity_id
_entity_poly.type
_entity_poly.pdbx_seq_one_letter_code
_entity_poly.pdbx_strand_id
1 'polypeptide(L)' MENDPNLFVALYDFVASGDNTLSITKGEKLRVLGYNHNGEWCEAQTKNGQGWVPSNYITPVNS A,C,E
2 'polypeptide(L)' (ACE)APTYPPPLPP B,D,F
#
# COMPACT_ATOMS: atom_id res chain seq x y z
N MET A 1 19.50 13.20 -25.70
CA MET A 1 20.02 12.45 -24.57
C MET A 1 18.89 11.93 -23.69
N GLU A 2 19.12 10.77 -23.08
CA GLU A 2 18.12 10.15 -22.21
C GLU A 2 18.00 10.90 -20.89
N ASN A 3 16.76 11.09 -20.43
CA ASN A 3 16.51 11.80 -19.18
C ASN A 3 17.02 11.02 -17.97
N ASP A 4 17.38 11.72 -16.90
CA ASP A 4 17.64 11.08 -15.62
C ASP A 4 16.41 10.28 -15.21
N PRO A 5 16.62 9.07 -14.66
CA PRO A 5 15.46 8.30 -14.18
C PRO A 5 14.85 8.91 -12.92
N ASN A 6 13.54 8.82 -12.76
CA ASN A 6 12.92 9.08 -11.46
C ASN A 6 13.24 7.92 -10.54
N LEU A 7 13.22 8.15 -9.23
CA LEU A 7 13.66 7.15 -8.30
C LEU A 7 12.60 6.77 -7.23
N PHE A 8 12.90 5.67 -6.58
CA PHE A 8 12.11 5.12 -5.48
C PHE A 8 12.97 5.08 -4.23
N VAL A 9 12.34 4.91 -3.07
CA VAL A 9 13.03 4.70 -1.81
C VAL A 9 12.54 3.40 -1.16
N ALA A 10 13.46 2.70 -0.49
CA ALA A 10 13.10 1.49 0.22
C ALA A 10 12.43 1.84 1.54
N LEU A 11 11.32 1.16 1.80
CA LEU A 11 10.55 1.35 3.04
C LEU A 11 11.00 0.48 4.19
N TYR A 12 11.46 -0.72 3.87
CA TYR A 12 11.81 -1.71 4.88
C TYR A 12 13.01 -2.49 4.39
N ASP A 13 13.76 -3.03 5.33
CA ASP A 13 14.85 -3.92 4.96
C ASP A 13 14.28 -5.22 4.35
N PHE A 14 15.02 -5.77 3.41
CA PHE A 14 14.71 -7.04 2.77
C PHE A 14 16.04 -7.74 2.51
N VAL A 15 16.17 -8.94 3.03
CA VAL A 15 17.38 -9.75 2.85
C VAL A 15 17.15 -10.71 1.68
N ALA A 16 18.07 -10.69 0.72
CA ALA A 16 17.95 -11.54 -0.45
C ALA A 16 17.78 -12.99 -0.06
N SER A 17 16.94 -13.69 -0.79
CA SER A 17 16.68 -15.10 -0.60
C SER A 17 17.34 -15.96 -1.68
N GLY A 18 18.48 -15.52 -2.19
CA GLY A 18 18.98 -16.00 -3.47
C GLY A 18 18.11 -15.72 -4.69
N ASP A 19 18.26 -16.53 -5.74
CA ASP A 19 17.36 -16.52 -6.89
C ASP A 19 17.19 -15.14 -7.52
N ASN A 20 18.28 -14.40 -7.64
CA ASN A 20 18.23 -13.10 -8.30
C ASN A 20 17.39 -12.06 -7.58
N THR A 21 17.22 -12.24 -6.28
CA THR A 21 16.70 -11.18 -5.44
C THR A 21 17.86 -10.28 -4.97
N LEU A 22 17.53 -9.09 -4.50
CA LEU A 22 18.49 -8.09 -4.10
C LEU A 22 18.19 -7.62 -2.68
N SER A 23 19.19 -7.66 -1.80
CA SER A 23 19.00 -7.10 -0.46
C SER A 23 18.90 -5.58 -0.56
N ILE A 24 17.96 -5.01 0.19
CA ILE A 24 17.81 -3.56 0.27
C ILE A 24 17.59 -3.14 1.72
N THR A 25 17.97 -1.91 2.00
CA THR A 25 17.87 -1.31 3.33
C THR A 25 16.97 -0.10 3.27
N LYS A 26 16.13 0.03 4.24
CA LYS A 26 15.27 1.21 4.44
C LYS A 26 16.05 2.46 4.16
N GLY A 27 15.54 3.31 3.27
CA GLY A 27 16.17 4.58 2.93
C GLY A 27 17.05 4.62 1.71
N GLU A 28 17.43 3.47 1.16
CA GLU A 28 18.21 3.42 -0.07
C GLU A 28 17.35 3.90 -1.22
N LYS A 29 18.01 4.51 -2.20
CA LYS A 29 17.38 4.88 -3.45
C LYS A 29 17.46 3.71 -4.40
N LEU A 30 16.41 3.56 -5.18
CA LEU A 30 16.36 2.54 -6.23
C LEU A 30 15.86 3.12 -7.53
N ARG A 31 16.31 2.51 -8.62
CA ARG A 31 15.73 2.73 -9.95
C ARG A 31 14.94 1.47 -10.32
N VAL A 32 13.69 1.64 -10.69
CA VAL A 32 12.81 0.52 -11.04
C VAL A 32 12.89 0.23 -12.54
N LEU A 33 13.17 -1.03 -12.86
CA LEU A 33 13.15 -1.49 -14.24
C LEU A 33 11.78 -2.05 -14.62
N GLY A 34 11.11 -2.73 -13.70
CA GLY A 34 9.83 -3.31 -14.02
C GLY A 34 9.36 -4.26 -12.96
N TYR A 35 8.39 -5.11 -13.32
CA TYR A 35 7.68 -5.97 -12.39
C TYR A 35 7.49 -7.34 -13.01
N ASN A 36 7.20 -8.33 -12.17
CA ASN A 36 6.86 -9.64 -12.68
C ASN A 36 5.38 -9.70 -13.11
N HIS A 37 4.92 -10.90 -13.47
CA HIS A 37 3.61 -11.02 -14.11
C HIS A 37 2.44 -10.61 -13.22
N ASN A 38 2.56 -10.83 -11.91
CA ASN A 38 1.48 -10.46 -11.01
C ASN A 38 1.75 -9.19 -10.21
N GLY A 39 2.85 -8.49 -10.51
CA GLY A 39 3.17 -7.23 -9.87
C GLY A 39 3.75 -7.31 -8.47
N GLU A 40 3.90 -8.52 -7.92
CA GLU A 40 4.34 -8.67 -6.54
C GLU A 40 5.84 -8.50 -6.34
N TRP A 41 6.60 -8.74 -7.41
CA TRP A 41 8.04 -8.56 -7.39
C TRP A 41 8.43 -7.44 -8.35
N CYS A 42 9.48 -6.71 -7.99
CA CYS A 42 9.94 -5.54 -8.71
C CYS A 42 11.43 -5.71 -8.99
N GLU A 43 11.83 -5.51 -10.24
CA GLU A 43 13.23 -5.59 -10.62
C GLU A 43 13.80 -4.19 -10.51
N ALA A 44 14.79 -4.03 -9.63
CA ALA A 44 15.29 -2.73 -9.26
C ALA A 44 16.81 -2.71 -9.22
N GLN A 45 17.35 -1.49 -9.27
CA GLN A 45 18.79 -1.23 -9.20
C GLN A 45 19.10 -0.33 -8.01
N THR A 46 20.14 -0.67 -7.26
CA THR A 46 20.65 0.16 -6.17
C THR A 46 22.17 0.20 -6.28
N LYS A 47 22.79 0.90 -5.35
CA LYS A 47 24.23 0.91 -5.28
C LYS A 47 24.84 -0.47 -5.10
N ASN A 48 24.06 -1.42 -4.61
CA ASN A 48 24.55 -2.77 -4.35
C ASN A 48 24.33 -3.76 -5.47
N GLY A 49 23.66 -3.34 -6.54
CA GLY A 49 23.45 -4.22 -7.67
C GLY A 49 22.05 -4.14 -8.20
N GLN A 50 21.59 -5.25 -8.76
CA GLN A 50 20.33 -5.32 -9.46
C GLN A 50 19.66 -6.65 -9.13
N GLY A 51 18.35 -6.60 -8.90
CA GLY A 51 17.62 -7.83 -8.68
C GLY A 51 16.21 -7.55 -8.23
N TRP A 52 15.52 -8.62 -7.86
CA TRP A 52 14.11 -8.56 -7.51
C TRP A 52 13.93 -8.27 -6.03
N VAL A 53 12.97 -7.38 -5.73
CA VAL A 53 12.61 -6.98 -4.40
C VAL A 53 11.08 -6.96 -4.31
N PRO A 54 10.52 -7.02 -3.10
CA PRO A 54 9.05 -6.96 -3.02
C PRO A 54 8.55 -5.59 -3.49
N SER A 55 7.51 -5.60 -4.34
CA SER A 55 7.02 -4.34 -4.88
C SER A 55 6.52 -3.37 -3.82
N ASN A 56 5.96 -3.90 -2.74
CA ASN A 56 5.42 -3.03 -1.71
C ASN A 56 6.43 -2.75 -0.58
N TYR A 57 7.71 -3.04 -0.84
CA TYR A 57 8.78 -2.61 0.05
C TYR A 57 9.45 -1.33 -0.44
N ILE A 58 8.94 -0.73 -1.53
CA ILE A 58 9.52 0.47 -2.10
C ILE A 58 8.40 1.41 -2.50
N THR A 59 8.74 2.69 -2.71
CA THR A 59 7.72 3.65 -3.10
C THR A 59 8.40 4.81 -3.82
N PRO A 60 7.68 5.51 -4.70
CA PRO A 60 8.29 6.67 -5.35
C PRO A 60 8.75 7.72 -4.36
N VAL A 61 9.82 8.42 -4.72
CA VAL A 61 10.27 9.54 -3.92
C VAL A 61 10.69 10.68 -4.84
N ASN A 62 10.33 11.88 -4.41
CA ASN A 62 10.70 13.07 -5.17
C ASN A 62 12.20 13.30 -5.17
N ALA B 2 12.08 -12.97 -12.07
CA ALA B 2 11.42 -12.97 -10.77
C ALA B 2 11.12 -14.40 -10.32
N PRO B 3 11.25 -14.49 -8.79
CA PRO B 3 10.95 -15.72 -8.06
C PRO B 3 9.52 -16.17 -8.31
N THR B 4 9.39 -17.51 -8.34
CA THR B 4 8.06 -18.09 -8.53
C THR B 4 7.28 -18.09 -7.22
N TYR B 5 7.90 -17.99 -6.09
CA TYR B 5 7.26 -17.89 -4.77
C TYR B 5 6.93 -16.44 -4.47
N PRO B 6 5.89 -16.20 -3.69
CA PRO B 6 5.55 -14.81 -3.34
C PRO B 6 6.57 -14.15 -2.39
N PRO B 7 6.68 -12.83 -2.47
CA PRO B 7 7.58 -12.13 -1.56
C PRO B 7 7.02 -12.12 -0.14
N PRO B 8 7.87 -11.83 0.84
CA PRO B 8 7.37 -11.63 2.21
C PRO B 8 6.41 -10.45 2.26
N LEU B 9 5.44 -10.53 3.15
CA LEU B 9 4.52 -9.42 3.38
C LEU B 9 5.27 -8.27 4.02
N PRO B 10 4.76 -7.03 3.85
CA PRO B 10 5.34 -5.92 4.59
C PRO B 10 5.34 -6.24 6.06
N PRO B 11 6.39 -5.83 6.75
CA PRO B 11 6.53 -6.26 8.13
C PRO B 11 5.66 -5.40 9.05
N ASN C 6 -17.45 1.06 6.28
CA ASN C 6 -18.50 0.08 6.53
C ASN C 6 -19.33 -0.33 5.29
N LEU C 7 -19.50 0.55 4.30
CA LEU C 7 -20.02 0.08 2.99
C LEU C 7 -18.95 0.15 1.91
N PHE C 8 -18.92 -0.88 1.07
CA PHE C 8 -17.99 -0.99 -0.04
C PHE C 8 -18.78 -1.18 -1.35
N VAL C 9 -18.11 -0.96 -2.47
CA VAL C 9 -18.65 -1.20 -3.79
C VAL C 9 -17.67 -2.08 -4.56
N ALA C 10 -18.22 -2.96 -5.37
CA ALA C 10 -17.42 -3.84 -6.23
C ALA C 10 -16.88 -3.08 -7.44
N LEU C 11 -15.58 -3.19 -7.67
CA LEU C 11 -14.91 -2.61 -8.83
C LEU C 11 -15.15 -3.42 -10.10
N TYR C 12 -15.28 -4.74 -9.96
CA TYR C 12 -15.31 -5.65 -11.10
C TYR C 12 -16.24 -6.80 -10.75
N ASP C 13 -16.82 -7.41 -11.77
CA ASP C 13 -17.47 -8.70 -11.58
C ASP C 13 -16.42 -9.75 -11.20
N PHE C 14 -16.83 -10.70 -10.36
CA PHE C 14 -16.00 -11.82 -9.94
C PHE C 14 -16.90 -13.05 -9.87
N VAL C 15 -16.61 -14.05 -10.70
CA VAL C 15 -17.33 -15.31 -10.70
C VAL C 15 -16.66 -16.25 -9.70
N ALA C 16 -17.43 -16.67 -8.71
CA ALA C 16 -16.94 -17.57 -7.68
C ALA C 16 -16.28 -18.79 -8.28
N SER C 17 -15.15 -19.18 -7.70
CA SER C 17 -14.35 -20.32 -8.17
C SER C 17 -14.32 -21.50 -7.22
N GLY C 18 -15.39 -21.69 -6.45
CA GLY C 18 -15.44 -22.78 -5.50
C GLY C 18 -14.74 -22.32 -4.22
N ASP C 19 -14.46 -23.24 -3.33
CA ASP C 19 -13.76 -22.92 -2.09
C ASP C 19 -14.29 -21.73 -1.26
N ASN C 20 -15.60 -21.65 -0.95
CA ASN C 20 -16.14 -20.61 -0.02
C ASN C 20 -16.17 -19.18 -0.62
N THR C 21 -15.91 -19.05 -1.93
CA THR C 21 -15.92 -17.74 -2.59
C THR C 21 -17.35 -17.32 -2.95
N LEU C 22 -17.55 -16.01 -3.10
CA LEU C 22 -18.85 -15.42 -3.39
C LEU C 22 -18.80 -14.63 -4.69
N SER C 23 -19.72 -14.88 -5.64
CA SER C 23 -19.77 -14.07 -6.86
C SER C 23 -20.28 -12.68 -6.54
N ILE C 24 -19.64 -11.67 -7.11
CA ILE C 24 -20.07 -10.29 -6.95
C ILE C 24 -20.11 -9.58 -8.31
N THR C 25 -20.91 -8.52 -8.35
CA THR C 25 -21.16 -7.77 -9.57
C THR C 25 -20.69 -6.33 -9.41
N LYS C 26 -19.98 -5.86 -10.43
CA LYS C 26 -19.49 -4.50 -10.53
C LYS C 26 -20.61 -3.51 -10.17
N GLY C 27 -20.29 -2.59 -9.27
CA GLY C 27 -21.20 -1.54 -8.87
C GLY C 27 -22.10 -1.86 -7.70
N GLU C 28 -22.17 -3.13 -7.28
CA GLU C 28 -23.05 -3.47 -6.18
C GLU C 28 -22.36 -3.23 -4.84
N LYS C 29 -23.17 -2.99 -3.81
CA LYS C 29 -22.66 -2.71 -2.49
C LYS C 29 -22.46 -3.98 -1.66
N LEU C 30 -21.49 -3.92 -0.76
CA LEU C 30 -21.14 -5.02 0.11
C LEU C 30 -20.82 -4.48 1.48
N ARG C 31 -20.92 -5.36 2.47
CA ARG C 31 -20.37 -5.12 3.80
C ARG C 31 -19.20 -6.07 4.04
N VAL C 32 -18.15 -5.58 4.67
CA VAL C 32 -16.94 -6.37 4.91
C VAL C 32 -16.94 -6.89 6.34
N LEU C 33 -16.78 -8.20 6.47
CA LEU C 33 -16.63 -8.85 7.77
C LEU C 33 -15.20 -9.08 8.18
N GLY C 34 -14.28 -9.27 7.25
CA GLY C 34 -12.92 -9.56 7.65
C GLY C 34 -12.08 -9.94 6.47
N TYR C 35 -10.90 -10.47 6.78
CA TYR C 35 -9.86 -10.73 5.79
C TYR C 35 -9.17 -12.04 6.15
N ASN C 36 -8.47 -12.61 5.19
CA ASN C 36 -7.65 -13.78 5.46
C ASN C 36 -6.29 -13.37 6.03
N HIS C 37 -5.40 -14.35 6.23
CA HIS C 37 -4.20 -14.08 7.00
C HIS C 37 -3.23 -13.10 6.33
N ASN C 38 -3.24 -13.04 5.00
CA ASN C 38 -2.32 -12.17 4.26
C ASN C 38 -3.04 -10.98 3.64
N GLY C 39 -4.32 -10.84 3.90
CA GLY C 39 -5.10 -9.69 3.42
C GLY C 39 -5.57 -9.74 1.98
N GLU C 40 -5.20 -10.77 1.23
CA GLU C 40 -5.56 -10.79 -0.19
C GLU C 40 -7.00 -11.17 -0.47
N TRP C 41 -7.62 -11.86 0.46
CA TRP C 41 -9.02 -12.24 0.38
C TRP C 41 -9.82 -11.54 1.49
N CYS C 42 -11.06 -11.23 1.18
CA CYS C 42 -11.95 -10.49 2.03
C CYS C 42 -13.28 -11.23 2.17
N GLU C 43 -13.77 -11.39 3.39
CA GLU C 43 -15.05 -12.04 3.61
C GLU C 43 -16.11 -10.95 3.66
N ALA C 44 -17.03 -11.01 2.70
CA ALA C 44 -18.02 -9.97 2.46
C ALA C 44 -19.42 -10.52 2.46
N GLN C 45 -20.37 -9.62 2.70
CA GLN C 45 -21.79 -9.88 2.64
C GLN C 45 -22.42 -9.03 1.55
N THR C 46 -23.23 -9.67 0.72
CA THR C 46 -24.04 -8.98 -0.28
C THR C 46 -25.45 -9.56 -0.23
N LYS C 47 -26.31 -9.07 -1.11
CA LYS C 47 -27.65 -9.60 -1.17
C LYS C 47 -27.66 -11.10 -1.48
N ASN C 48 -26.60 -11.61 -2.09
CA ASN C 48 -26.56 -13.00 -2.50
C ASN C 48 -25.93 -13.94 -1.50
N GLY C 49 -25.52 -13.42 -0.34
CA GLY C 49 -24.96 -14.27 0.70
C GLY C 49 -23.65 -13.72 1.25
N GLN C 50 -22.78 -14.63 1.62
CA GLN C 50 -21.56 -14.28 2.33
C GLN C 50 -20.46 -15.21 1.87
N GLY C 51 -19.28 -14.65 1.62
CA GLY C 51 -18.14 -15.47 1.26
C GLY C 51 -16.97 -14.60 0.85
N TRP C 52 -15.95 -15.26 0.33
CA TRP C 52 -14.66 -14.64 0.07
C TRP C 52 -14.61 -14.06 -1.34
N VAL C 53 -14.05 -12.85 -1.41
CA VAL C 53 -13.87 -12.12 -2.66
C VAL C 53 -12.48 -11.50 -2.63
N PRO C 54 -11.90 -11.14 -3.77
CA PRO C 54 -10.58 -10.52 -3.73
C PRO C 54 -10.62 -9.17 -3.02
N SER C 55 -9.69 -8.91 -2.10
CA SER C 55 -9.72 -7.66 -1.37
C SER C 55 -9.59 -6.43 -2.29
N ASN C 56 -8.83 -6.55 -3.37
CA ASN C 56 -8.66 -5.41 -4.26
C ASN C 56 -9.72 -5.35 -5.38
N TYR C 57 -10.81 -6.11 -5.23
CA TYR C 57 -11.96 -5.99 -6.12
C TYR C 57 -13.07 -5.11 -5.52
N ILE C 58 -12.84 -4.50 -4.36
CA ILE C 58 -13.84 -3.67 -3.70
C ILE C 58 -13.18 -2.40 -3.15
N THR C 59 -14.00 -1.39 -2.88
CA THR C 59 -13.50 -0.12 -2.37
C THR C 59 -14.57 0.56 -1.53
N PRO C 60 -14.15 1.38 -0.56
CA PRO C 60 -15.17 2.05 0.27
C PRO C 60 -15.99 3.07 -0.49
N VAL C 61 -17.23 3.25 -0.03
CA VAL C 61 -18.05 4.36 -0.50
C VAL C 61 -18.55 5.11 0.73
N ASN C 62 -18.49 6.45 0.68
CA ASN C 62 -18.83 7.27 1.85
C ASN C 62 -20.34 7.48 1.92
N ALA D 2 -10.82 -19.20 4.01
CA ALA D 2 -10.44 -18.49 2.81
C ALA D 2 -9.74 -19.46 1.86
N PRO D 3 -9.74 -19.12 0.55
CA PRO D 3 -8.92 -19.91 -0.37
C PRO D 3 -7.43 -19.83 -0.05
N THR D 4 -6.68 -20.90 -0.33
CA THR D 4 -5.23 -20.89 -0.10
C THR D 4 -4.44 -20.56 -1.37
N TYR D 5 -5.15 -20.36 -2.48
CA TYR D 5 -4.53 -19.87 -3.70
C TYR D 5 -4.81 -18.38 -3.80
N PRO D 6 -3.99 -17.66 -4.56
CA PRO D 6 -4.22 -16.22 -4.66
C PRO D 6 -5.46 -15.92 -5.48
N PRO D 7 -6.10 -14.78 -5.20
CA PRO D 7 -7.22 -14.35 -6.03
C PRO D 7 -6.75 -13.96 -7.43
N PRO D 8 -7.68 -13.89 -8.37
CA PRO D 8 -7.32 -13.40 -9.69
C PRO D 8 -6.86 -11.96 -9.61
N LEU D 9 -5.95 -11.59 -10.51
CA LEU D 9 -5.51 -10.21 -10.59
C LEU D 9 -6.68 -9.32 -11.01
N PRO D 10 -6.63 -8.04 -10.61
CA PRO D 10 -7.56 -7.09 -11.21
C PRO D 10 -7.45 -7.10 -12.72
N PRO D 11 -8.59 -6.98 -13.41
CA PRO D 11 -8.62 -7.09 -14.86
C PRO D 11 -8.10 -5.83 -15.52
N ASP E 4 17.46 14.01 8.87
CA ASP E 4 16.54 14.20 9.99
C ASP E 4 15.99 12.87 10.46
N PRO E 5 16.02 12.59 11.77
CA PRO E 5 15.51 11.28 12.20
C PRO E 5 14.02 11.09 11.92
N ASN E 6 13.28 12.19 11.80
CA ASN E 6 11.84 12.10 11.65
C ASN E 6 11.43 12.35 10.19
N LEU E 7 12.31 12.02 9.23
CA LEU E 7 12.01 12.14 7.80
C LEU E 7 11.16 10.97 7.35
N PHE E 8 10.04 11.30 6.76
CA PHE E 8 9.10 10.34 6.20
C PHE E 8 8.85 10.66 4.72
N VAL E 9 8.30 9.68 4.01
CA VAL E 9 7.84 9.87 2.63
CA VAL E 9 7.83 9.87 2.63
C VAL E 9 6.35 9.56 2.55
N ALA E 10 5.63 10.31 1.72
CA ALA E 10 4.22 10.06 1.48
C ALA E 10 4.07 8.87 0.52
N LEU E 11 3.34 7.87 0.98
CA LEU E 11 3.02 6.68 0.15
C LEU E 11 1.95 6.99 -0.90
N TYR E 12 1.00 7.85 -0.52
CA TYR E 12 -0.18 8.13 -1.34
C TYR E 12 -0.56 9.58 -1.19
N ASP E 13 -1.24 10.10 -2.21
CA ASP E 13 -1.88 11.40 -2.08
C ASP E 13 -2.93 11.36 -0.96
N PHE E 14 -3.10 12.49 -0.29
CA PHE E 14 -4.17 12.71 0.69
C PHE E 14 -4.62 14.16 0.56
N VAL E 15 -5.92 14.33 0.36
CA VAL E 15 -6.52 15.65 0.21
C VAL E 15 -7.06 16.09 1.56
N ALA E 16 -6.64 17.26 2.00
CA ALA E 16 -7.10 17.72 3.31
C ALA E 16 -8.64 17.63 3.40
N SER E 17 -9.14 17.26 4.59
CA SER E 17 -10.57 17.18 4.87
C SER E 17 -10.95 18.20 5.93
N GLY E 18 -10.20 19.29 6.03
CA GLY E 18 -10.39 20.24 7.12
C GLY E 18 -9.87 19.67 8.43
N ASP E 19 -10.33 20.25 9.54
CA ASP E 19 -9.93 19.74 10.85
C ASP E 19 -8.40 19.67 11.02
N ASN E 20 -7.72 20.72 10.55
CA ASN E 20 -6.27 20.88 10.67
C ASN E 20 -5.49 19.80 9.94
N THR E 21 -6.05 19.30 8.85
CA THR E 21 -5.36 18.32 8.03
C THR E 21 -4.52 19.02 6.96
N LEU E 22 -3.59 18.29 6.36
CA LEU E 22 -2.63 18.82 5.38
C LEU E 22 -2.65 17.96 4.14
N SER E 23 -2.85 18.57 2.98
CA SER E 23 -2.73 17.82 1.73
C SER E 23 -1.30 17.43 1.45
N ILE E 24 -1.11 16.18 1.04
CA ILE E 24 0.22 15.66 0.68
C ILE E 24 0.09 14.88 -0.62
N THR E 25 1.19 14.83 -1.37
CA THR E 25 1.26 14.13 -2.64
C THR E 25 2.25 13.00 -2.52
N LYS E 26 1.87 11.87 -3.12
CA LYS E 26 2.72 10.69 -3.20
C LYS E 26 4.15 11.11 -3.57
N GLY E 27 5.13 10.65 -2.80
CA GLY E 27 6.53 10.95 -3.08
C GLY E 27 7.13 12.11 -2.32
N GLU E 28 6.29 12.95 -1.72
CA GLU E 28 6.72 14.09 -0.97
C GLU E 28 7.40 13.68 0.34
N LYS E 29 8.39 14.47 0.75
CA LYS E 29 9.03 14.28 2.04
C LYS E 29 8.29 15.08 3.14
N LEU E 30 8.25 14.50 4.34
CA LEU E 30 7.65 15.15 5.48
C LEU E 30 8.55 15.02 6.70
N ARG E 31 8.42 15.96 7.63
CA ARG E 31 9.00 15.81 8.96
C ARG E 31 7.85 15.61 9.93
N VAL E 32 7.88 14.49 10.65
CA VAL E 32 6.79 14.14 11.53
C VAL E 32 7.02 14.67 12.94
N LEU E 33 6.01 15.40 13.44
CA LEU E 33 6.03 15.91 14.81
C LEU E 33 5.53 14.85 15.79
N GLY E 34 4.53 14.07 15.40
CA GLY E 34 4.04 12.99 16.24
C GLY E 34 2.74 12.40 15.76
N TYR E 35 2.12 11.62 16.64
CA TYR E 35 0.91 10.87 16.39
C TYR E 35 -0.14 11.26 17.42
N ASN E 36 -1.40 11.08 17.04
CA ASN E 36 -2.51 11.27 17.98
C ASN E 36 -2.66 10.06 18.91
N HIS E 37 -3.71 10.11 19.75
CA HIS E 37 -3.82 9.19 20.88
C HIS E 37 -3.92 7.72 20.44
N ASN E 38 -4.56 7.46 19.30
CA ASN E 38 -4.75 6.09 18.84
C ASN E 38 -3.85 5.74 17.67
N GLY E 39 -2.94 6.64 17.32
CA GLY E 39 -1.98 6.36 16.27
C GLY E 39 -2.48 6.46 14.83
N GLU E 40 -3.76 6.80 14.63
CA GLU E 40 -4.35 6.81 13.30
C GLU E 40 -4.00 8.03 12.48
N TRP E 41 -3.66 9.11 13.17
CA TRP E 41 -3.31 10.38 12.53
C TRP E 41 -1.91 10.82 12.95
N CYS E 42 -1.22 11.47 12.03
CA CYS E 42 0.15 11.95 12.23
CA CYS E 42 0.14 11.92 12.24
C CYS E 42 0.22 13.42 11.91
N GLU E 43 0.87 14.20 12.79
CA GLU E 43 1.05 15.63 12.56
C GLU E 43 2.40 15.83 11.91
N ALA E 44 2.40 16.46 10.73
CA ALA E 44 3.58 16.56 9.90
C ALA E 44 3.75 17.96 9.32
N GLN E 45 5.01 18.22 8.96
CA GLN E 45 5.40 19.42 8.25
C GLN E 45 5.96 19.06 6.88
N THR E 46 5.53 19.82 5.88
CA THR E 46 6.07 19.71 4.53
C THR E 46 6.37 21.11 4.01
N LYS E 47 6.85 21.19 2.79
CA LYS E 47 7.09 22.44 2.12
C LYS E 47 5.79 23.24 1.95
N ASN E 48 4.62 22.61 2.10
CA ASN E 48 3.34 23.27 1.93
C ASN E 48 2.65 23.70 3.21
N GLY E 49 3.19 23.35 4.37
CA GLY E 49 2.55 23.71 5.62
C GLY E 49 2.66 22.63 6.66
N GLN E 50 1.69 22.60 7.56
CA GLN E 50 1.69 21.71 8.70
C GLN E 50 0.28 21.25 8.98
N GLY E 51 0.11 19.97 9.29
CA GLY E 51 -1.18 19.48 9.72
C GLY E 51 -1.22 17.98 9.81
N TRP E 52 -2.40 17.46 10.05
CA TRP E 52 -2.60 16.04 10.26
C TRP E 52 -2.84 15.29 8.97
N VAL E 53 -2.24 14.10 8.87
CA VAL E 53 -2.35 13.24 7.71
C VAL E 53 -2.55 11.80 8.22
N PRO E 54 -3.08 10.91 7.41
CA PRO E 54 -3.26 9.53 7.90
C PRO E 54 -1.91 8.89 8.16
N SER E 55 -1.77 8.26 9.32
CA SER E 55 -0.50 7.65 9.67
CA SER E 55 -0.50 7.65 9.68
C SER E 55 -0.06 6.59 8.67
N ASN E 56 -1.02 5.83 8.12
CA ASN E 56 -0.58 4.78 7.20
C ASN E 56 -0.57 5.25 5.74
N TYR E 57 -0.61 6.56 5.53
CA TYR E 57 -0.32 7.14 4.22
C TYR E 57 1.13 7.64 4.08
N ILE E 58 1.92 7.49 5.14
CA ILE E 58 3.31 7.91 5.15
C ILE E 58 4.13 6.84 5.83
N THR E 59 5.45 6.92 5.67
CA THR E 59 6.33 5.93 6.25
C THR E 59 7.71 6.51 6.49
N PRO E 60 8.38 6.07 7.56
CA PRO E 60 9.68 6.61 7.88
C PRO E 60 10.77 6.12 6.95
N VAL E 61 11.70 6.99 6.61
CA VAL E 61 12.84 6.57 5.82
C VAL E 61 14.17 6.73 6.55
N ASN E 62 14.20 7.44 7.68
CA ASN E 62 15.43 7.70 8.46
C ASN E 62 15.47 7.14 9.87
N SER E 63 14.41 6.50 10.34
CA SER E 63 14.44 5.88 11.67
C SER E 63 13.80 4.51 11.55
N ALA F 2 -5.89 16.63 16.60
CA ALA F 2 -6.09 15.72 15.48
C ALA F 2 -7.59 15.53 15.21
N PRO F 3 -7.93 15.12 13.98
CA PRO F 3 -9.34 14.80 13.69
C PRO F 3 -9.88 13.73 14.64
N THR F 4 -11.17 13.83 14.96
CA THR F 4 -11.82 12.84 15.81
C THR F 4 -12.52 11.75 15.01
N TYR F 5 -12.47 11.85 13.69
CA TYR F 5 -13.00 10.80 12.84
C TYR F 5 -11.85 10.01 12.24
N PRO F 6 -12.12 8.79 11.78
CA PRO F 6 -11.05 7.99 11.17
C PRO F 6 -10.54 8.53 9.84
N PRO F 7 -9.25 8.31 9.53
CA PRO F 7 -8.74 8.66 8.21
C PRO F 7 -9.26 7.70 7.15
N PRO F 8 -9.10 8.06 5.87
CA PRO F 8 -9.43 7.12 4.81
C PRO F 8 -8.54 5.89 4.90
N LEU F 9 -9.06 4.74 4.49
CA LEU F 9 -8.24 3.55 4.39
C LEU F 9 -7.17 3.73 3.32
N PRO F 10 -6.04 3.07 3.48
CA PRO F 10 -5.10 2.95 2.35
C PRO F 10 -5.68 1.99 1.30
N PRO F 11 -5.22 2.04 0.04
CA PRO F 11 -4.28 3.02 -0.50
C PRO F 11 -4.98 4.29 -0.94
#